data_7AER
#
_entry.id   7AER
#
_cell.length_a   56.610
_cell.length_b   224.380
_cell.length_c   53.310
_cell.angle_alpha   90.000
_cell.angle_beta   90.000
_cell.angle_gamma   90.000
#
_symmetry.space_group_name_H-M   'P 21 21 2'
#
loop_
_entity.id
_entity.type
_entity.pdbx_description
1 polymer 'Toxin-antitoxin system antidote Mnt family'
2 polymer 'Toxin-antitoxin system toxin HepN family'
3 non-polymer 'ADENOSINE MONOPHOSPHATE'
#
loop_
_entity_poly.entity_id
_entity_poly.type
_entity_poly.pdbx_seq_one_letter_code
_entity_poly.pdbx_strand_id
1 'polypeptide(L)'
;(MSE)QQLNENKIIKLLRDNIPKLQLIYLFGSYSQGTQHRNSDIDIAVLAADTLDNIARWELAQKLASALDSDVDLVDLR
SASTVLCQQVVTQGKQLWGTQQDDELFAVKTIS(MSE)YQHLQAERQAIIDDV(MSE)ANTAAKAHRGESL
;
A
2 'polypeptide(L)'
;(MSE)NDIIINKIATIKRCIKRIQQVYGDGSQFKQDFTLQDSVILNLQRCCEACIDIANHINRQQQLGIPQSSRDSFTLL
AQNNLITQPLSDNLKK(MSE)VGLRNIAVHDYQELNLDIVVHVVQHHLEDFEQFIDVIKAEHHHHHH
;
B,C,D
#
loop_
_chem_comp.id
_chem_comp.type
_chem_comp.name
_chem_comp.formula
AMP non-polymer 'ADENOSINE MONOPHOSPHATE' 'C10 H14 N5 O7 P'
#
# COMPACT_ATOMS: atom_id res chain seq x y z
N MSE A 1 5.88 18.36 27.02
CA MSE A 1 4.60 18.29 26.31
C MSE A 1 4.61 17.16 25.28
O MSE A 1 3.61 16.46 25.12
CB MSE A 1 4.29 19.62 25.63
N GLN A 2 5.73 17.00 24.58
CA GLN A 2 5.83 15.96 23.57
C GLN A 2 5.68 14.58 24.17
N GLN A 3 6.33 14.32 25.31
CA GLN A 3 6.21 13.03 25.98
C GLN A 3 4.78 12.81 26.49
N LEU A 4 4.17 13.86 27.03
CA LEU A 4 2.79 13.74 27.50
C LEU A 4 1.83 13.53 26.33
N ASN A 5 2.01 14.30 25.25
CA ASN A 5 1.18 14.12 24.07
C ASN A 5 1.36 12.72 23.48
N GLU A 6 2.60 12.22 23.47
CA GLU A 6 2.86 10.89 22.92
C GLU A 6 2.07 9.82 23.66
N ASN A 7 2.05 9.90 25.00
CA ASN A 7 1.32 8.91 25.79
C ASN A 7 -0.18 8.93 25.47
N LYS A 8 -0.75 10.14 25.40
CA LYS A 8 -2.17 10.27 25.09
C LYS A 8 -2.53 9.62 23.76
N ILE A 9 -1.60 9.63 22.81
CA ILE A 9 -1.84 8.95 21.54
C ILE A 9 -1.79 7.44 21.73
N ILE A 10 -0.89 6.96 22.58
CA ILE A 10 -0.80 5.53 22.86
C ILE A 10 -2.10 5.03 23.47
N LYS A 11 -2.63 5.77 24.45
CA LYS A 11 -3.85 5.36 25.14
C LYS A 11 -5.01 5.24 24.17
N LEU A 12 -5.28 6.30 23.40
CA LEU A 12 -6.43 6.30 22.50
C LEU A 12 -6.34 5.19 21.46
N LEU A 13 -5.13 4.92 20.95
CA LEU A 13 -4.98 3.94 19.89
C LEU A 13 -5.09 2.52 20.42
N ARG A 14 -4.40 2.23 21.53
CA ARG A 14 -4.50 0.90 22.13
C ARG A 14 -5.91 0.60 22.59
N ASP A 15 -6.66 1.62 23.01
CA ASP A 15 -8.01 1.41 23.54
C ASP A 15 -9.06 1.22 22.47
N ASN A 16 -8.82 1.70 21.24
CA ASN A 16 -9.83 1.68 20.19
C ASN A 16 -9.47 0.76 19.03
N ILE A 17 -8.35 0.04 19.10
CA ILE A 17 -7.93 -0.86 18.03
C ILE A 17 -7.59 -2.22 18.61
N PRO A 18 -8.23 -3.30 18.18
CA PRO A 18 -7.86 -4.63 18.66
C PRO A 18 -6.64 -5.16 17.94
N LYS A 19 -5.85 -5.95 18.68
CA LYS A 19 -4.66 -6.60 18.14
C LYS A 19 -3.68 -5.58 17.56
N LEU A 20 -3.51 -4.47 18.26
CA LEU A 20 -2.61 -3.43 17.79
C LEU A 20 -1.17 -3.95 17.83
N GLN A 21 -0.44 -3.75 16.74
CA GLN A 21 0.93 -4.24 16.63
C GLN A 21 1.97 -3.13 16.64
N LEU A 22 1.74 -2.02 15.94
CA LEU A 22 2.71 -0.95 15.83
C LEU A 22 2.03 0.40 15.86
N ILE A 23 2.63 1.36 16.56
CA ILE A 23 2.22 2.75 16.53
C ILE A 23 3.41 3.57 16.06
N TYR A 24 3.23 4.33 14.98
CA TYR A 24 4.29 5.15 14.42
C TYR A 24 3.89 6.62 14.43
N LEU A 25 4.91 7.48 14.42
CA LEU A 25 4.74 8.93 14.46
C LEU A 25 5.68 9.53 13.42
N PHE A 26 5.18 9.65 12.18
CA PHE A 26 5.96 10.16 11.07
C PHE A 26 5.57 11.61 10.77
N GLY A 27 6.10 12.14 9.66
CA GLY A 27 5.84 13.52 9.29
C GLY A 27 6.64 14.52 10.11
N SER A 28 6.00 15.63 10.47
CA SER A 28 6.65 16.68 11.26
C SER A 28 6.25 16.52 12.72
N TYR A 29 7.24 16.42 13.60
CA TYR A 29 7.00 16.25 15.02
C TYR A 29 8.19 16.73 15.84
N SER A 38 -0.73 22.18 15.95
CA SER A 38 0.16 22.05 14.81
C SER A 38 -0.47 21.13 13.79
N ASP A 39 0.22 20.04 13.47
CA ASP A 39 -0.27 19.07 12.51
C ASP A 39 0.40 17.74 12.81
N ILE A 40 -0.37 16.74 13.17
CA ILE A 40 0.14 15.44 13.62
C ILE A 40 -0.18 14.39 12.58
N ASP A 41 0.80 13.53 12.29
CA ASP A 41 0.66 12.45 11.32
C ASP A 41 1.00 11.14 12.01
N ILE A 42 0.04 10.24 12.09
CA ILE A 42 0.17 9.01 12.86
C ILE A 42 -0.16 7.81 11.98
N ALA A 43 0.64 6.76 12.07
CA ALA A 43 0.43 5.53 11.32
C ALA A 43 0.44 4.34 12.26
N VAL A 44 -0.45 3.37 12.00
CA VAL A 44 -0.60 2.20 12.87
C VAL A 44 -0.69 0.94 12.03
N LEU A 45 -0.34 -0.19 12.65
CA LEU A 45 -0.45 -1.50 12.03
C LEU A 45 -1.12 -2.46 13.01
N ALA A 46 -2.16 -3.14 12.55
CA ALA A 46 -2.87 -4.14 13.33
C ALA A 46 -2.89 -5.47 12.57
N ALA A 47 -3.56 -6.45 13.16
CA ALA A 47 -3.72 -7.76 12.51
C ALA A 47 -4.79 -7.75 11.44
N ASP A 48 -5.66 -6.73 11.42
CA ASP A 48 -6.70 -6.59 10.43
C ASP A 48 -6.67 -5.19 9.86
N THR A 49 -7.21 -5.04 8.65
CA THR A 49 -7.39 -3.72 8.07
C THR A 49 -8.45 -2.96 8.85
N LEU A 50 -8.29 -1.65 8.90
CA LEU A 50 -9.25 -0.79 9.56
C LEU A 50 -10.35 -0.37 8.59
N ASP A 51 -11.55 -0.20 9.14
CA ASP A 51 -12.64 0.34 8.33
C ASP A 51 -12.34 1.77 7.93
N ASN A 52 -12.64 2.10 6.67
CA ASN A 52 -12.37 3.43 6.15
C ASN A 52 -12.98 4.51 7.05
N ILE A 53 -14.27 4.35 7.38
CA ILE A 53 -14.97 5.35 8.18
C ILE A 53 -14.49 5.30 9.63
N ALA A 54 -14.46 4.09 10.21
CA ALA A 54 -14.10 3.95 11.63
C ALA A 54 -12.70 4.47 11.91
N ARG A 55 -11.78 4.35 10.95
CA ARG A 55 -10.45 4.92 11.12
C ARG A 55 -10.51 6.44 11.14
N TRP A 56 -11.21 7.02 10.15
CA TRP A 56 -11.35 8.47 10.09
C TRP A 56 -12.03 9.02 11.33
N GLU A 57 -13.08 8.34 11.79
CA GLU A 57 -13.76 8.75 13.02
C GLU A 57 -12.80 8.73 14.21
N LEU A 58 -11.88 7.76 14.23
CA LEU A 58 -10.89 7.71 15.30
C LEU A 58 -9.85 8.82 15.14
N ALA A 59 -9.47 9.12 13.89
CA ALA A 59 -8.55 10.23 13.65
C ALA A 59 -9.14 11.55 14.12
N GLN A 60 -10.43 11.78 13.86
CA GLN A 60 -11.09 12.97 14.38
C GLN A 60 -11.22 12.92 15.90
N LYS A 61 -11.29 11.72 16.47
CA LYS A 61 -11.30 11.59 17.92
C LYS A 61 -9.93 11.92 18.50
N LEU A 62 -8.86 11.47 17.84
CA LEU A 62 -7.51 11.92 18.20
C LEU A 62 -7.36 13.42 17.98
N ALA A 63 -7.86 13.90 16.84
CA ALA A 63 -7.76 15.32 16.52
C ALA A 63 -8.46 16.18 17.56
N SER A 64 -9.58 15.69 18.09
CA SER A 64 -10.29 16.43 19.13
C SER A 64 -9.54 16.38 20.46
N ALA A 65 -8.88 15.25 20.75
CA ALA A 65 -8.21 15.10 22.05
C ALA A 65 -6.95 15.94 22.14
N LEU A 66 -6.19 16.05 21.04
CA LEU A 66 -4.93 16.79 21.04
C LEU A 66 -5.07 18.20 20.49
N ASP A 67 -6.27 18.60 20.08
CA ASP A 67 -6.54 19.92 19.51
C ASP A 67 -5.57 20.22 18.37
N SER A 68 -5.42 19.25 17.47
CA SER A 68 -4.61 19.42 16.27
C SER A 68 -5.17 18.51 15.19
N ASP A 69 -4.93 18.88 13.93
CA ASP A 69 -5.33 18.00 12.83
C ASP A 69 -4.49 16.73 12.87
N VAL A 70 -5.16 15.58 12.76
CA VAL A 70 -4.50 14.28 12.88
C VAL A 70 -4.87 13.44 11.67
N ASP A 71 -3.87 12.82 11.06
CA ASP A 71 -4.07 11.91 9.94
C ASP A 71 -3.68 10.51 10.40
N LEU A 72 -4.66 9.62 10.47
CA LEU A 72 -4.41 8.23 10.87
C LEU A 72 -4.22 7.39 9.61
N VAL A 73 -3.16 6.58 9.61
CA VAL A 73 -2.75 5.81 8.44
C VAL A 73 -2.79 4.33 8.79
N ASP A 74 -3.50 3.56 7.97
CA ASP A 74 -3.54 2.10 8.11
C ASP A 74 -2.40 1.53 7.29
N LEU A 75 -1.37 1.02 7.98
CA LEU A 75 -0.22 0.42 7.30
C LEU A 75 -0.57 -0.86 6.56
N ARG A 76 -1.76 -1.40 6.77
CA ARG A 76 -2.19 -2.59 6.06
C ARG A 76 -2.84 -2.29 4.72
N SER A 77 -3.24 -1.03 4.50
CA SER A 77 -3.80 -0.60 3.22
C SER A 77 -3.03 0.56 2.60
N ALA A 78 -2.06 1.13 3.30
CA ALA A 78 -1.33 2.28 2.81
C ALA A 78 -0.47 1.91 1.62
N SER A 79 -0.19 2.90 0.77
CA SER A 79 0.63 2.69 -0.41
C SER A 79 2.06 2.35 -0.02
N THR A 80 2.78 1.74 -0.96
CA THR A 80 4.17 1.35 -0.70
C THR A 80 5.06 2.57 -0.53
N VAL A 81 4.78 3.66 -1.25
CA VAL A 81 5.57 4.87 -1.09
C VAL A 81 5.39 5.46 0.30
N LEU A 82 4.14 5.52 0.77
CA LEU A 82 3.87 6.05 2.11
C LEU A 82 4.52 5.18 3.18
N CYS A 83 4.49 3.86 3.00
CA CYS A 83 5.12 2.97 3.97
C CYS A 83 6.63 3.17 4.01
N GLN A 84 7.26 3.48 2.86
CA GLN A 84 8.68 3.78 2.86
C GLN A 84 8.95 5.10 3.56
N GLN A 85 8.05 6.07 3.40
CA GLN A 85 8.20 7.35 4.10
C GLN A 85 8.08 7.19 5.60
N VAL A 86 7.42 6.14 6.07
CA VAL A 86 7.28 5.92 7.51
C VAL A 86 8.52 5.22 8.07
N VAL A 87 9.05 4.22 7.37
CA VAL A 87 10.25 3.55 7.83
C VAL A 87 11.48 4.44 7.69
N THR A 88 11.41 5.48 6.85
CA THR A 88 12.51 6.41 6.70
C THR A 88 12.50 7.42 7.85
N GLN A 89 11.58 8.38 7.81
CA GLN A 89 11.36 9.30 8.92
C GLN A 89 10.19 8.76 9.74
N GLY A 90 10.46 8.44 11.00
CA GLY A 90 9.44 7.88 11.87
C GLY A 90 9.94 7.52 13.25
N LYS A 91 9.03 7.56 14.23
CA LYS A 91 9.35 7.27 15.63
C LYS A 91 8.41 6.17 16.10
N GLN A 92 8.95 4.99 16.35
CA GLN A 92 8.15 3.88 16.88
C GLN A 92 7.77 4.19 18.32
N LEU A 93 6.48 4.40 18.56
CA LEU A 93 5.99 4.74 19.90
C LEU A 93 5.60 3.51 20.70
N TRP A 94 5.05 2.49 20.05
CA TRP A 94 4.61 1.29 20.75
C TRP A 94 4.77 0.09 19.82
N GLY A 95 4.89 -1.09 20.41
CA GLY A 95 5.04 -2.31 19.65
C GLY A 95 6.40 -2.95 19.88
N THR A 96 6.46 -4.26 19.57
CA THR A 96 7.70 -5.00 19.71
C THR A 96 8.70 -4.57 18.65
N GLN A 97 9.93 -5.10 18.76
CA GLN A 97 10.96 -4.81 17.78
C GLN A 97 10.94 -5.81 16.63
N GLN A 98 10.60 -7.07 16.91
CA GLN A 98 10.52 -8.06 15.84
C GLN A 98 9.44 -7.71 14.84
N ASP A 99 8.34 -7.12 15.31
CA ASP A 99 7.32 -6.63 14.39
C ASP A 99 7.81 -5.39 13.64
N ASP A 100 8.64 -4.56 14.28
CA ASP A 100 9.18 -3.39 13.63
C ASP A 100 10.11 -3.78 12.48
N GLU A 101 11.04 -4.70 12.75
CA GLU A 101 11.95 -5.16 11.71
C GLU A 101 11.21 -5.91 10.61
N LEU A 102 10.21 -6.72 10.99
CA LEU A 102 9.41 -7.43 10.00
C LEU A 102 8.73 -6.45 9.05
N PHE A 103 8.28 -5.31 9.55
CA PHE A 103 7.62 -4.33 8.70
C PHE A 103 8.62 -3.51 7.89
N ALA A 104 9.83 -3.30 8.40
CA ALA A 104 10.81 -2.50 7.67
C ALA A 104 11.37 -3.26 6.48
N VAL A 105 11.78 -4.51 6.68
CA VAL A 105 12.29 -5.30 5.57
C VAL A 105 11.18 -5.63 4.59
N LYS A 106 9.92 -5.66 5.05
CA LYS A 106 8.80 -5.89 4.16
C LYS A 106 8.57 -4.71 3.24
N THR A 107 8.69 -3.50 3.77
CA THR A 107 8.40 -2.30 2.98
C THR A 107 9.58 -1.88 2.12
N ILE A 108 10.79 -1.89 2.68
CA ILE A 108 11.97 -1.47 1.93
C ILE A 108 12.16 -2.35 0.71
N SER A 109 12.02 -3.68 0.89
CA SER A 109 12.19 -4.60 -0.22
C SER A 109 11.08 -4.45 -1.24
N MSE A 110 9.84 -4.25 -0.77
CA MSE A 110 8.73 -3.98 -1.68
C MSE A 110 8.94 -2.67 -2.43
O MSE A 110 8.60 -2.55 -3.61
CB MSE A 110 7.40 -3.91 -0.91
CG MSE A 110 6.77 -5.26 -0.63
SE MSE A 110 4.84 -5.13 -0.36
CE MSE A 110 4.81 -3.48 0.69
N TYR A 111 9.52 -1.69 -1.73
CA TYR A 111 9.79 -0.40 -2.36
C TYR A 111 10.85 -0.53 -3.43
N GLN A 112 11.86 -1.38 -3.21
CA GLN A 112 12.93 -1.55 -4.19
C GLN A 112 12.40 -2.15 -5.49
N HIS A 113 11.50 -3.13 -5.39
CA HIS A 113 10.88 -3.69 -6.58
C HIS A 113 10.02 -2.65 -7.29
N LEU A 114 9.22 -1.90 -6.52
CA LEU A 114 8.40 -0.85 -7.11
C LEU A 114 9.25 0.21 -7.80
N GLN A 115 10.40 0.56 -7.20
CA GLN A 115 11.29 1.53 -7.83
C GLN A 115 11.73 1.07 -9.20
N ALA A 116 11.90 -0.24 -9.38
CA ALA A 116 12.20 -0.78 -10.70
C ALA A 116 10.98 -0.82 -11.60
N GLU A 117 9.79 -1.00 -11.02
CA GLU A 117 8.57 -1.08 -11.82
C GLU A 117 8.23 0.26 -12.47
N ARG A 118 8.36 1.36 -11.73
CA ARG A 118 7.85 2.66 -12.14
C ARG A 118 8.94 3.63 -12.56
N GLN A 119 10.17 3.16 -12.73
CA GLN A 119 11.25 4.08 -13.11
C GLN A 119 11.05 4.64 -14.51
N ALA A 120 10.38 3.88 -15.38
CA ALA A 120 10.06 4.40 -16.71
C ALA A 120 9.07 5.55 -16.62
N ILE A 121 8.07 5.45 -15.75
CA ILE A 121 7.08 6.51 -15.60
C ILE A 121 7.72 7.74 -14.95
N ILE A 122 8.52 7.52 -13.90
CA ILE A 122 9.15 8.63 -13.19
C ILE A 122 10.03 9.45 -14.13
N ASP A 123 10.77 8.79 -15.02
CA ASP A 123 11.66 9.50 -15.92
C ASP A 123 10.89 10.31 -16.97
N ASP A 124 9.72 9.83 -17.38
CA ASP A 124 8.91 10.59 -18.33
C ASP A 124 8.37 11.86 -17.69
N VAL A 125 7.95 11.79 -16.44
CA VAL A 125 7.36 12.95 -15.78
C VAL A 125 8.43 13.98 -15.45
N MSE A 126 9.67 13.55 -15.28
CA MSE A 126 10.75 14.44 -14.86
C MSE A 126 11.58 14.95 -16.03
O MSE A 126 12.67 15.51 -15.83
CB MSE A 126 11.66 13.75 -13.85
CG MSE A 126 10.97 13.32 -12.56
SE MSE A 126 10.44 14.80 -11.40
CE MSE A 126 8.62 15.07 -12.07
N ALA A 127 11.08 14.75 -17.25
CA ALA A 127 11.75 15.19 -18.47
C ALA A 127 13.19 14.68 -18.58
N MSE B 1 21.58 -14.43 13.87
CA MSE B 1 21.18 -14.37 15.27
C MSE B 1 19.76 -13.84 15.44
O MSE B 1 18.95 -14.43 16.17
CB MSE B 1 22.15 -13.49 16.07
CG MSE B 1 21.57 -12.94 17.35
SE MSE B 1 21.01 -14.34 18.59
CE MSE B 1 19.57 -13.38 19.48
N ASN B 2 19.47 -12.73 14.77
CA ASN B 2 18.18 -12.04 14.92
C ASN B 2 17.03 -12.98 14.56
N ASP B 3 15.82 -12.57 14.95
CA ASP B 3 14.65 -13.40 14.70
C ASP B 3 14.33 -13.44 13.22
N ILE B 4 14.51 -12.32 12.53
CA ILE B 4 14.28 -12.28 11.09
C ILE B 4 15.41 -12.97 10.33
N ILE B 5 16.64 -12.91 10.86
CA ILE B 5 17.76 -13.54 10.16
C ILE B 5 17.66 -15.06 10.22
N ILE B 6 17.32 -15.61 11.38
CA ILE B 6 17.22 -17.07 11.51
C ILE B 6 16.12 -17.62 10.62
N ASN B 7 15.06 -16.85 10.38
CA ASN B 7 13.98 -17.32 9.54
C ASN B 7 14.35 -17.30 8.07
N LYS B 8 14.97 -16.20 7.61
CA LYS B 8 15.38 -16.13 6.21
C LYS B 8 16.47 -17.14 5.90
N ILE B 9 17.42 -17.33 6.83
CA ILE B 9 18.42 -18.38 6.65
C ILE B 9 17.74 -19.74 6.55
N ALA B 10 16.70 -19.97 7.34
CA ALA B 10 15.96 -21.22 7.26
C ALA B 10 15.21 -21.32 5.93
N THR B 11 14.70 -20.20 5.43
CA THR B 11 14.03 -20.19 4.14
C THR B 11 15.01 -20.49 3.00
N ILE B 12 16.21 -19.89 3.05
CA ILE B 12 17.21 -20.13 2.02
C ILE B 12 17.62 -21.61 2.01
N LYS B 13 17.90 -22.17 3.18
CA LYS B 13 18.31 -23.57 3.23
C LYS B 13 17.20 -24.51 2.79
N ARG B 14 15.93 -24.15 3.05
CA ARG B 14 14.83 -25.00 2.60
C ARG B 14 14.72 -24.95 1.08
N CYS B 15 14.95 -23.78 0.49
CA CYS B 15 14.84 -23.63 -0.96
C CYS B 15 16.05 -24.20 -1.68
N ILE B 16 17.23 -24.16 -1.05
CA ILE B 16 18.41 -24.79 -1.64
C ILE B 16 18.18 -26.30 -1.76
N LYS B 17 17.61 -26.91 -0.72
CA LYS B 17 17.26 -28.32 -0.80
C LYS B 17 16.24 -28.57 -1.91
N ARG B 18 15.28 -27.67 -2.09
CA ARG B 18 14.27 -27.85 -3.12
C ARG B 18 14.86 -27.74 -4.52
N ILE B 19 15.77 -26.79 -4.73
CA ILE B 19 16.43 -26.68 -6.03
C ILE B 19 17.24 -27.94 -6.32
N GLN B 20 18.00 -28.40 -5.32
CA GLN B 20 18.82 -29.59 -5.50
C GLN B 20 17.96 -30.82 -5.73
N GLN B 21 16.82 -30.91 -5.06
CA GLN B 21 15.97 -32.09 -5.18
C GLN B 21 15.29 -32.14 -6.55
N VAL B 22 14.81 -30.98 -7.04
CA VAL B 22 14.13 -30.99 -8.34
C VAL B 22 15.15 -31.20 -9.46
N TYR B 23 16.31 -30.54 -9.37
CA TYR B 23 17.38 -30.74 -10.34
C TYR B 23 18.17 -31.95 -9.89
N GLY B 24 17.59 -33.13 -10.17
CA GLY B 24 18.25 -34.36 -9.76
C GLY B 24 19.60 -34.54 -10.41
N ASP B 25 19.65 -34.48 -11.74
CA ASP B 25 20.89 -34.65 -12.47
C ASP B 25 20.81 -33.98 -13.83
N GLY B 26 19.65 -33.43 -14.18
CA GLY B 26 19.48 -32.80 -15.46
C GLY B 26 19.00 -33.73 -16.56
N SER B 27 18.62 -34.96 -16.22
CA SER B 27 18.23 -35.91 -17.26
C SER B 27 16.98 -35.44 -17.99
N GLN B 28 15.95 -35.04 -17.24
CA GLN B 28 14.72 -34.53 -17.81
C GLN B 28 14.56 -33.03 -17.61
N PHE B 29 15.57 -32.35 -17.06
CA PHE B 29 15.43 -30.94 -16.73
C PHE B 29 15.27 -30.08 -17.98
N LYS B 30 16.22 -30.15 -18.91
CA LYS B 30 16.21 -29.28 -20.08
C LYS B 30 14.99 -29.54 -20.97
N GLN B 31 14.21 -30.58 -20.69
CA GLN B 31 13.04 -30.92 -21.47
C GLN B 31 11.73 -30.75 -20.70
N ASP B 32 11.79 -30.55 -19.38
CA ASP B 32 10.61 -30.43 -18.54
C ASP B 32 10.51 -28.98 -18.08
N PHE B 33 9.57 -28.24 -18.68
CA PHE B 33 9.35 -26.85 -18.27
C PHE B 33 8.89 -26.77 -16.82
N THR B 34 8.16 -27.79 -16.34
CA THR B 34 7.70 -27.78 -14.95
C THR B 34 8.88 -27.85 -13.98
N LEU B 35 9.89 -28.65 -14.32
CA LEU B 35 11.10 -28.68 -13.48
C LEU B 35 11.83 -27.35 -13.57
N GLN B 36 11.83 -26.72 -14.74
CA GLN B 36 12.46 -25.42 -14.89
C GLN B 36 11.72 -24.37 -14.05
N ASP B 37 10.40 -24.42 -14.06
CA ASP B 37 9.61 -23.45 -13.30
C ASP B 37 9.86 -23.61 -11.80
N SER B 38 9.98 -24.84 -11.32
CA SER B 38 10.17 -25.07 -9.89
C SER B 38 11.52 -24.56 -9.41
N VAL B 39 12.57 -24.77 -10.22
CA VAL B 39 13.90 -24.30 -9.83
C VAL B 39 13.96 -22.78 -9.83
N ILE B 40 13.32 -22.14 -10.83
CA ILE B 40 13.34 -20.69 -10.92
C ILE B 40 12.65 -20.06 -9.70
N LEU B 41 11.53 -20.65 -9.26
CA LEU B 41 10.80 -20.08 -8.13
C LEU B 41 11.65 -20.11 -6.86
N ASN B 42 12.26 -21.26 -6.56
CA ASN B 42 13.06 -21.36 -5.34
C ASN B 42 14.34 -20.54 -5.44
N LEU B 43 14.90 -20.39 -6.65
CA LEU B 43 16.00 -19.47 -6.83
C LEU B 43 15.60 -18.04 -6.48
N GLN B 44 14.36 -17.66 -6.82
CA GLN B 44 13.85 -16.35 -6.44
C GLN B 44 13.65 -16.25 -4.94
N ARG B 45 13.11 -17.30 -4.32
CA ARG B 45 12.92 -17.31 -2.87
C ARG B 45 14.26 -17.16 -2.15
N CYS B 46 15.33 -17.73 -2.71
CA CYS B 46 16.66 -17.52 -2.16
C CYS B 46 17.12 -16.08 -2.34
N CYS B 47 16.90 -15.51 -3.54
CA CYS B 47 17.33 -14.15 -3.81
C CYS B 47 16.64 -13.15 -2.90
N GLU B 48 15.31 -13.23 -2.82
CA GLU B 48 14.55 -12.27 -2.01
C GLU B 48 14.92 -12.38 -0.53
N ALA B 49 15.26 -13.58 -0.07
CA ALA B 49 15.63 -13.72 1.34
C ALA B 49 16.98 -13.10 1.61
N CYS B 50 17.92 -13.21 0.65
CA CYS B 50 19.20 -12.53 0.79
C CYS B 50 19.02 -11.01 0.71
N ILE B 51 18.13 -10.55 -0.17
CA ILE B 51 17.84 -9.13 -0.26
C ILE B 51 17.21 -8.65 1.04
N ASP B 52 16.33 -9.48 1.63
CA ASP B 52 15.71 -9.11 2.90
C ASP B 52 16.73 -9.07 4.03
N ILE B 53 17.63 -10.06 4.08
CA ILE B 53 18.70 -10.04 5.08
C ILE B 53 19.60 -8.83 4.88
N ALA B 54 19.92 -8.52 3.62
CA ALA B 54 20.78 -7.39 3.33
C ALA B 54 20.15 -6.08 3.76
N ASN B 55 18.85 -5.91 3.51
CA ASN B 55 18.19 -4.66 3.87
C ASN B 55 18.04 -4.49 5.37
N HIS B 56 17.92 -5.59 6.10
CA HIS B 56 17.83 -5.51 7.56
C HIS B 56 19.14 -5.01 8.16
N ILE B 57 20.27 -5.57 7.73
CA ILE B 57 21.55 -5.18 8.30
C ILE B 57 21.84 -3.71 7.99
N ASN B 58 21.48 -3.26 6.78
CA ASN B 58 21.72 -1.86 6.43
C ASN B 58 20.94 -0.90 7.31
N ARG B 59 19.73 -1.30 7.74
CA ARG B 59 18.94 -0.46 8.63
C ARG B 59 19.32 -0.65 10.09
N GLN B 60 19.62 -1.89 10.50
CA GLN B 60 19.88 -2.20 11.89
C GLN B 60 21.21 -1.64 12.40
N GLN B 61 22.11 -1.22 11.49
CA GLN B 61 23.36 -0.60 11.90
C GLN B 61 23.61 0.70 11.17
N GLN B 62 22.58 1.29 10.56
CA GLN B 62 22.61 2.64 10.00
C GLN B 62 23.73 2.81 8.96
N LEU B 63 23.75 1.90 7.99
CA LEU B 63 24.72 1.95 6.91
C LEU B 63 24.17 2.63 5.65
N GLY B 64 23.03 3.32 5.77
CA GLY B 64 22.37 3.92 4.63
C GLY B 64 21.16 3.12 4.20
N ILE B 65 20.50 3.63 3.17
CA ILE B 65 19.32 3.01 2.59
C ILE B 65 19.61 2.72 1.12
N PRO B 66 19.39 1.50 0.64
CA PRO B 66 19.59 1.21 -0.79
C PRO B 66 18.35 1.55 -1.58
N GLN B 67 18.55 2.27 -2.70
CA GLN B 67 17.42 2.59 -3.57
C GLN B 67 16.99 1.38 -4.41
N SER B 68 17.93 0.49 -4.71
CA SER B 68 17.65 -0.71 -5.48
C SER B 68 17.98 -1.94 -4.66
N SER B 69 17.66 -3.11 -5.23
CA SER B 69 18.03 -4.36 -4.58
C SER B 69 19.53 -4.58 -4.62
N ARG B 70 20.17 -4.22 -5.74
CA ARG B 70 21.60 -4.43 -5.88
C ARG B 70 22.40 -3.55 -4.93
N ASP B 71 21.95 -2.31 -4.72
CA ASP B 71 22.66 -1.40 -3.84
C ASP B 71 22.76 -1.94 -2.42
N SER B 72 21.81 -2.80 -2.02
CA SER B 72 21.86 -3.39 -0.69
C SER B 72 23.08 -4.27 -0.52
N PHE B 73 23.39 -5.09 -1.53
CA PHE B 73 24.62 -5.87 -1.50
C PHE B 73 25.85 -4.99 -1.65
N THR B 74 25.72 -3.90 -2.42
CA THR B 74 26.83 -2.96 -2.55
C THR B 74 27.18 -2.34 -1.20
N LEU B 75 26.16 -1.93 -0.44
CA LEU B 75 26.38 -1.32 0.86
C LEU B 75 27.02 -2.32 1.83
N LEU B 76 26.57 -3.58 1.82
CA LEU B 76 27.18 -4.59 2.66
C LEU B 76 28.64 -4.81 2.30
N ALA B 77 29.02 -4.51 1.05
CA ALA B 77 30.40 -4.75 0.65
C ALA B 77 31.28 -3.55 0.96
N GLN B 78 30.75 -2.33 0.81
CA GLN B 78 31.54 -1.13 1.11
C GLN B 78 31.87 -1.05 2.59
N ASN B 79 31.01 -1.59 3.46
CA ASN B 79 31.27 -1.62 4.89
C ASN B 79 31.93 -2.92 5.33
N ASN B 80 32.41 -3.73 4.38
CA ASN B 80 33.21 -4.92 4.66
C ASN B 80 32.45 -5.93 5.51
N LEU B 81 31.14 -6.06 5.26
CA LEU B 81 30.35 -7.11 5.87
C LEU B 81 30.27 -8.36 5.01
N ILE B 82 30.37 -8.21 3.69
CA ILE B 82 30.51 -9.31 2.75
C ILE B 82 31.65 -8.99 1.80
N THR B 83 32.25 -10.04 1.24
CA THR B 83 33.38 -9.86 0.34
C THR B 83 32.93 -9.21 -0.97
N GLN B 84 33.83 -8.40 -1.54
CA GLN B 84 33.53 -7.75 -2.82
C GLN B 84 33.17 -8.73 -3.93
N PRO B 85 33.83 -9.89 -4.10
CA PRO B 85 33.36 -10.83 -5.12
C PRO B 85 32.04 -11.51 -4.77
N LEU B 86 31.73 -11.68 -3.47
CA LEU B 86 30.45 -12.29 -3.11
C LEU B 86 29.29 -11.34 -3.39
N SER B 87 29.50 -10.04 -3.10
CA SER B 87 28.47 -9.06 -3.42
C SER B 87 28.22 -8.99 -4.92
N ASP B 88 29.29 -9.08 -5.71
CA ASP B 88 29.14 -9.07 -7.16
C ASP B 88 28.38 -10.29 -7.66
N ASN B 89 28.57 -11.44 -7.01
CA ASN B 89 27.88 -12.66 -7.44
C ASN B 89 26.40 -12.62 -7.07
N LEU B 90 26.07 -12.08 -5.90
CA LEU B 90 24.67 -11.98 -5.49
C LEU B 90 23.91 -10.97 -6.33
N LYS B 91 24.54 -9.87 -6.71
CA LYS B 91 23.88 -8.89 -7.57
C LYS B 91 23.60 -9.44 -8.95
N LYS B 92 24.48 -10.29 -9.48
CA LYS B 92 24.22 -10.95 -10.75
C LYS B 92 23.18 -12.05 -10.63
N MSE B 93 22.77 -12.40 -9.42
CA MSE B 93 21.70 -13.36 -9.21
C MSE B 93 20.35 -12.69 -9.37
O MSE B 93 19.40 -13.28 -9.88
CB MSE B 93 21.82 -14.02 -7.84
CG MSE B 93 21.27 -15.43 -7.76
SE MSE B 93 22.16 -16.62 -9.04
CE MSE B 93 24.01 -16.26 -8.54
N VAL B 94 20.28 -11.43 -8.92
CA VAL B 94 19.06 -10.64 -9.09
C VAL B 94 18.74 -10.48 -10.58
N GLY B 95 19.77 -10.26 -11.40
CA GLY B 95 19.56 -10.18 -12.83
C GLY B 95 18.96 -11.46 -13.40
N LEU B 96 19.42 -12.61 -12.91
CA LEU B 96 18.83 -13.88 -13.33
C LEU B 96 17.39 -13.99 -12.86
N ARG B 97 17.10 -13.49 -11.66
CA ARG B 97 15.74 -13.54 -11.14
C ARG B 97 14.79 -12.68 -11.99
N ASN B 98 15.23 -11.47 -12.35
CA ASN B 98 14.35 -10.57 -13.09
C ASN B 98 14.13 -11.05 -14.52
N ILE B 99 15.18 -11.54 -15.17
CA ILE B 99 15.04 -12.06 -16.54
C ILE B 99 14.11 -13.26 -16.57
N ALA B 100 14.12 -14.08 -15.51
CA ALA B 100 13.28 -15.27 -15.48
C ALA B 100 11.84 -14.96 -15.08
N VAL B 101 11.62 -13.97 -14.20
CA VAL B 101 10.28 -13.63 -13.74
C VAL B 101 9.53 -12.90 -14.85
N HIS B 102 9.88 -11.66 -15.12
CA HIS B 102 9.30 -10.88 -16.22
C HIS B 102 10.38 -10.69 -17.27
N ASP B 103 10.26 -11.41 -18.38
CA ASP B 103 11.35 -11.52 -19.35
C ASP B 103 11.40 -10.27 -20.22
N TYR B 104 12.40 -9.42 -19.98
CA TYR B 104 12.82 -8.42 -20.94
C TYR B 104 14.02 -8.90 -21.75
N GLN B 105 14.23 -10.22 -21.82
CA GLN B 105 15.39 -10.83 -22.43
C GLN B 105 15.17 -12.34 -22.44
N GLU B 106 15.49 -13.03 -23.53
CA GLU B 106 15.15 -14.45 -23.62
C GLU B 106 15.98 -15.26 -22.63
N LEU B 107 15.30 -16.06 -21.82
CA LEU B 107 15.95 -16.82 -20.75
C LEU B 107 16.87 -17.87 -21.34
N ASN B 108 18.16 -17.77 -21.02
CA ASN B 108 19.14 -18.78 -21.41
C ASN B 108 19.13 -19.88 -20.35
N LEU B 109 18.59 -21.04 -20.69
CA LEU B 109 18.44 -22.11 -19.72
C LEU B 109 19.80 -22.68 -19.30
N ASP B 110 20.80 -22.60 -20.18
CA ASP B 110 22.14 -23.04 -19.82
C ASP B 110 22.73 -22.23 -18.68
N ILE B 111 22.22 -21.02 -18.45
CA ILE B 111 22.66 -20.23 -17.29
C ILE B 111 22.03 -20.76 -16.02
N VAL B 112 20.74 -21.11 -16.07
CA VAL B 112 20.07 -21.64 -14.89
C VAL B 112 20.66 -22.99 -14.51
N VAL B 113 20.97 -23.83 -15.50
CA VAL B 113 21.63 -25.11 -15.24
C VAL B 113 23.00 -24.89 -14.63
N HIS B 114 23.72 -23.88 -15.12
CA HIS B 114 25.05 -23.59 -14.60
C HIS B 114 24.99 -23.08 -13.16
N VAL B 115 23.98 -22.30 -12.83
CA VAL B 115 23.90 -21.68 -11.51
C VAL B 115 23.61 -22.73 -10.43
N VAL B 116 22.80 -23.73 -10.75
CA VAL B 116 22.53 -24.77 -9.77
C VAL B 116 23.79 -25.59 -9.51
N GLN B 117 24.69 -25.67 -10.50
CA GLN B 117 25.89 -26.48 -10.35
C GLN B 117 27.01 -25.75 -9.60
N HIS B 118 27.26 -24.48 -9.95
CA HIS B 118 28.42 -23.76 -9.45
C HIS B 118 28.11 -22.49 -8.67
N HIS B 119 26.85 -22.20 -8.37
CA HIS B 119 26.52 -20.92 -7.73
C HIS B 119 25.65 -21.03 -6.48
N LEU B 120 25.13 -22.20 -6.16
CA LEU B 120 24.36 -22.34 -4.92
C LEU B 120 25.23 -22.06 -3.71
N GLU B 121 26.55 -22.28 -3.83
CA GLU B 121 27.46 -22.01 -2.72
C GLU B 121 27.50 -20.54 -2.35
N ASP B 122 27.16 -19.64 -3.28
CA ASP B 122 27.14 -18.22 -2.97
C ASP B 122 26.05 -17.92 -1.93
N PHE B 123 24.92 -18.61 -2.00
CA PHE B 123 23.91 -18.48 -0.94
C PHE B 123 24.42 -19.06 0.36
N GLU B 124 25.05 -20.24 0.30
CA GLU B 124 25.62 -20.84 1.51
C GLU B 124 26.70 -19.97 2.11
N GLN B 125 27.54 -19.36 1.27
CA GLN B 125 28.53 -18.42 1.77
C GLN B 125 27.86 -17.25 2.47
N PHE B 126 26.78 -16.72 1.89
CA PHE B 126 26.15 -15.53 2.44
C PHE B 126 25.59 -15.79 3.83
N ILE B 127 24.85 -16.88 4.01
CA ILE B 127 24.28 -17.15 5.32
C ILE B 127 25.37 -17.49 6.33
N ASP B 128 26.48 -18.08 5.88
CA ASP B 128 27.59 -18.35 6.79
C ASP B 128 28.26 -17.06 7.23
N VAL B 129 28.49 -16.12 6.31
CA VAL B 129 29.09 -14.83 6.68
C VAL B 129 28.16 -14.07 7.61
N ILE B 130 26.85 -14.11 7.35
CA ILE B 130 25.90 -13.42 8.21
C ILE B 130 25.77 -14.15 9.55
N LYS B 131 25.93 -15.47 9.57
CA LYS B 131 25.81 -16.20 10.82
C LYS B 131 26.90 -15.82 11.81
N ALA B 132 28.10 -15.50 11.31
CA ALA B 132 29.18 -15.08 12.20
C ALA B 132 28.79 -13.83 12.97
N GLU B 133 28.50 -12.75 12.25
CA GLU B 133 28.01 -11.51 12.86
C GLU B 133 26.59 -11.67 13.39
N ASN C 2 2.49 0.57 -29.36
CA ASN C 2 1.87 -0.56 -28.71
C ASN C 2 2.57 -1.88 -29.08
N ASP C 3 3.87 -1.78 -29.39
CA ASP C 3 4.61 -2.95 -29.81
C ASP C 3 4.92 -3.90 -28.66
N ILE C 4 5.27 -3.35 -27.49
CA ILE C 4 5.61 -4.19 -26.34
C ILE C 4 4.36 -4.85 -25.77
N ILE C 5 3.20 -4.22 -25.94
CA ILE C 5 1.96 -4.78 -25.42
C ILE C 5 1.63 -6.09 -26.13
N ILE C 6 1.88 -6.16 -27.44
CA ILE C 6 1.60 -7.38 -28.18
C ILE C 6 2.44 -8.54 -27.66
N ASN C 7 3.65 -8.25 -27.15
CA ASN C 7 4.50 -9.30 -26.61
C ASN C 7 4.05 -9.73 -25.22
N LYS C 8 3.72 -8.78 -24.35
CA LYS C 8 3.28 -9.13 -23.00
C LYS C 8 1.94 -9.87 -23.03
N ILE C 9 1.05 -9.49 -23.94
CA ILE C 9 -0.19 -10.24 -24.11
C ILE C 9 0.13 -11.69 -24.46
N ALA C 10 1.16 -11.91 -25.29
CA ALA C 10 1.58 -13.26 -25.61
C ALA C 10 2.15 -13.97 -24.38
N THR C 11 2.84 -13.24 -23.50
CA THR C 11 3.37 -13.84 -22.28
C THR C 11 2.24 -14.28 -21.35
N ILE C 12 1.22 -13.43 -21.19
CA ILE C 12 0.08 -13.80 -20.36
C ILE C 12 -0.63 -15.02 -20.93
N LYS C 13 -0.84 -15.04 -22.25
CA LYS C 13 -1.51 -16.16 -22.89
C LYS C 13 -0.69 -17.44 -22.77
N ARG C 14 0.62 -17.34 -22.85
CA ARG C 14 1.47 -18.51 -22.69
C ARG C 14 1.53 -18.98 -21.23
N CYS C 15 1.49 -18.05 -20.27
CA CYS C 15 1.53 -18.48 -18.88
C CYS C 15 0.20 -19.04 -18.39
N ILE C 16 -0.92 -18.52 -18.89
CA ILE C 16 -2.23 -19.08 -18.53
C ILE C 16 -2.35 -20.51 -19.03
N LYS C 17 -1.93 -20.75 -20.28
CA LYS C 17 -1.88 -22.12 -20.78
C LYS C 17 -0.92 -22.96 -19.94
N ARG C 18 0.16 -22.35 -19.46
CA ARG C 18 1.12 -23.06 -18.63
C ARG C 18 0.52 -23.43 -17.29
N ILE C 19 -0.25 -22.52 -16.68
CA ILE C 19 -0.91 -22.81 -15.40
C ILE C 19 -1.92 -23.92 -15.56
N GLN C 20 -2.73 -23.86 -16.63
CA GLN C 20 -3.80 -24.84 -16.82
C GLN C 20 -3.23 -26.23 -17.03
N GLN C 21 -2.10 -26.33 -17.73
CA GLN C 21 -1.52 -27.64 -18.04
C GLN C 21 -0.94 -28.29 -16.79
N VAL C 22 -0.29 -27.49 -15.93
CA VAL C 22 0.36 -28.04 -14.74
C VAL C 22 -0.68 -28.48 -13.69
N TYR C 23 -1.79 -27.76 -13.59
CA TYR C 23 -2.81 -28.10 -12.60
C TYR C 23 -3.65 -29.30 -13.04
N GLY C 24 -3.95 -29.40 -14.34
CA GLY C 24 -4.71 -30.52 -14.86
C GLY C 24 -6.10 -30.67 -14.28
N ASP C 25 -6.24 -31.57 -13.31
CA ASP C 25 -7.53 -31.79 -12.67
C ASP C 25 -7.50 -31.51 -11.16
N GLY C 26 -6.33 -31.25 -10.57
CA GLY C 26 -6.23 -30.98 -9.15
C GLY C 26 -6.07 -32.19 -8.26
N SER C 27 -5.88 -33.38 -8.82
CA SER C 27 -5.79 -34.58 -8.00
C SER C 27 -4.53 -34.59 -7.15
N GLN C 28 -3.38 -34.29 -7.77
CA GLN C 28 -2.10 -34.32 -7.08
C GLN C 28 -1.55 -32.94 -6.76
N PHE C 29 -2.34 -31.88 -6.95
CA PHE C 29 -1.82 -30.52 -6.77
C PHE C 29 -1.39 -30.27 -5.33
N LYS C 30 -2.32 -30.43 -4.38
CA LYS C 30 -2.02 -30.12 -2.98
C LYS C 30 -0.97 -31.04 -2.38
N GLN C 31 -0.56 -32.09 -3.09
CA GLN C 31 0.42 -33.03 -2.55
C GLN C 31 1.76 -32.99 -3.27
N ASP C 32 1.84 -32.33 -4.42
CA ASP C 32 3.07 -32.26 -5.20
C ASP C 32 3.58 -30.83 -5.14
N PHE C 33 4.63 -30.62 -4.35
CA PHE C 33 5.22 -29.29 -4.22
C PHE C 33 5.75 -28.77 -5.56
N THR C 34 6.27 -29.67 -6.40
CA THR C 34 6.81 -29.25 -7.70
C THR C 34 5.72 -28.67 -8.60
N LEU C 35 4.53 -29.28 -8.58
CA LEU C 35 3.42 -28.74 -9.38
C LEU C 35 2.96 -27.39 -8.85
N GLN C 36 2.98 -27.21 -7.53
CA GLN C 36 2.59 -25.93 -6.95
C GLN C 36 3.58 -24.84 -7.34
N ASP C 37 4.87 -25.17 -7.34
CA ASP C 37 5.89 -24.17 -7.66
C ASP C 37 5.72 -23.61 -9.06
N SER C 38 5.39 -24.48 -10.03
CA SER C 38 5.22 -24.01 -11.40
C SER C 38 3.98 -23.13 -11.53
N VAL C 39 2.89 -23.50 -10.86
CA VAL C 39 1.66 -22.70 -10.94
C VAL C 39 1.86 -21.36 -10.26
N ILE C 40 2.54 -21.34 -9.11
CA ILE C 40 2.79 -20.09 -8.41
C ILE C 40 3.68 -19.18 -9.25
N LEU C 41 4.69 -19.76 -9.91
CA LEU C 41 5.61 -18.96 -10.72
C LEU C 41 4.87 -18.29 -11.89
N ASN C 42 4.10 -19.07 -12.64
CA ASN C 42 3.41 -18.51 -13.81
C ASN C 42 2.28 -17.57 -13.41
N LEU C 43 1.63 -17.82 -12.27
CA LEU C 43 0.66 -16.85 -11.76
C LEU C 43 1.35 -15.52 -11.48
N GLN C 44 2.58 -15.56 -10.96
CA GLN C 44 3.33 -14.33 -10.73
C GLN C 44 3.70 -13.67 -12.05
N ARG C 45 4.12 -14.47 -13.04
CA ARG C 45 4.47 -13.92 -14.35
C ARG C 45 3.28 -13.22 -15.00
N CYS C 46 2.06 -13.71 -14.76
CA CYS C 46 0.88 -13.03 -15.28
C CYS C 46 0.70 -11.67 -14.61
N CYS C 47 0.86 -11.63 -13.28
CA CYS C 47 0.74 -10.37 -12.56
C CYS C 47 1.79 -9.38 -13.03
N GLU C 48 3.05 -9.83 -13.12
CA GLU C 48 4.13 -8.94 -13.55
C GLU C 48 3.89 -8.43 -14.96
N ALA C 49 3.30 -9.25 -15.83
CA ALA C 49 3.02 -8.83 -17.20
C ALA C 49 1.87 -7.85 -17.28
N CYS C 50 0.85 -8.02 -16.43
CA CYS C 50 -0.25 -7.06 -16.40
C CYS C 50 0.21 -5.71 -15.87
N ILE C 51 1.09 -5.71 -14.87
CA ILE C 51 1.61 -4.45 -14.33
C ILE C 51 2.42 -3.71 -15.39
N ASP C 52 3.17 -4.46 -16.22
CA ASP C 52 3.95 -3.82 -17.28
C ASP C 52 3.04 -3.17 -18.33
N ILE C 53 1.97 -3.86 -18.72
CA ILE C 53 1.03 -3.26 -19.67
C ILE C 53 0.37 -2.03 -19.04
N ALA C 54 0.01 -2.12 -17.76
CA ALA C 54 -0.65 -0.99 -17.09
C ALA C 54 0.29 0.21 -17.00
N ASN C 55 1.55 -0.02 -16.63
CA ASN C 55 2.48 1.10 -16.51
C ASN C 55 2.87 1.68 -17.86
N HIS C 56 2.87 0.86 -18.92
CA HIS C 56 3.14 1.38 -20.25
C HIS C 56 2.04 2.34 -20.68
N ILE C 57 0.79 1.97 -20.46
CA ILE C 57 -0.32 2.85 -20.80
C ILE C 57 -0.26 4.12 -19.95
N ASN C 58 0.10 3.98 -18.68
CA ASN C 58 0.22 5.15 -17.81
C ASN C 58 1.33 6.08 -18.27
N ARG C 59 2.39 5.56 -18.89
CA ARG C 59 3.43 6.43 -19.42
C ARG C 59 3.02 6.99 -20.78
N GLN C 60 2.35 6.17 -21.60
CA GLN C 60 1.92 6.61 -22.92
C GLN C 60 0.73 7.55 -22.87
N GLN C 61 0.10 7.71 -21.70
CA GLN C 61 -1.04 8.61 -21.55
C GLN C 61 -0.91 9.57 -20.38
N GLN C 62 0.15 9.45 -19.57
CA GLN C 62 0.44 10.37 -18.47
C GLN C 62 -0.74 10.45 -17.48
N LEU C 63 -1.12 9.28 -16.97
CA LEU C 63 -2.25 9.18 -16.04
C LEU C 63 -1.87 9.55 -14.62
N GLY C 64 -0.60 9.43 -14.26
CA GLY C 64 -0.17 9.71 -12.89
C GLY C 64 1.10 8.94 -12.57
N ILE C 65 1.32 8.73 -11.28
CA ILE C 65 2.51 8.05 -10.79
C ILE C 65 2.09 7.02 -9.76
N PRO C 66 2.31 5.73 -10.00
CA PRO C 66 1.83 4.70 -9.07
C PRO C 66 2.57 4.77 -7.74
N GLN C 67 1.80 4.81 -6.65
CA GLN C 67 2.36 4.75 -5.32
C GLN C 67 2.50 3.33 -4.81
N SER C 68 1.84 2.38 -5.45
CA SER C 68 2.01 0.96 -5.17
C SER C 68 1.75 0.20 -6.47
N SER C 69 1.95 -1.12 -6.44
CA SER C 69 1.65 -1.93 -7.61
C SER C 69 0.15 -1.99 -7.86
N ARG C 70 -0.65 -2.02 -6.79
CA ARG C 70 -2.10 -1.94 -6.94
C ARG C 70 -2.51 -0.63 -7.58
N ASP C 71 -1.72 0.42 -7.37
CA ASP C 71 -2.08 1.75 -7.87
C ASP C 71 -2.07 1.80 -9.39
N SER C 72 -1.29 0.92 -10.03
CA SER C 72 -1.20 0.93 -11.49
C SER C 72 -2.52 0.55 -12.15
N PHE C 73 -3.35 -0.25 -11.47
CA PHE C 73 -4.63 -0.64 -12.03
C PHE C 73 -5.76 0.33 -11.68
N THR C 74 -5.65 1.02 -10.54
CA THR C 74 -6.64 2.05 -10.22
C THR C 74 -6.52 3.22 -11.19
N LEU C 75 -5.30 3.55 -11.62
CA LEU C 75 -5.13 4.64 -12.58
C LEU C 75 -5.87 4.36 -13.87
N LEU C 76 -5.85 3.10 -14.34
CA LEU C 76 -6.64 2.74 -15.51
C LEU C 76 -8.13 2.84 -15.20
N ALA C 77 -8.52 2.50 -13.97
CA ALA C 77 -9.92 2.58 -13.59
C ALA C 77 -10.35 4.01 -13.27
N GLN C 78 -9.46 4.80 -12.67
CA GLN C 78 -9.77 6.20 -12.38
C GLN C 78 -10.09 6.96 -13.67
N ASN C 79 -9.39 6.62 -14.75
CA ASN C 79 -9.68 7.21 -16.06
C ASN C 79 -10.67 6.37 -16.85
N ASN C 80 -11.35 5.42 -16.21
CA ASN C 80 -12.41 4.63 -16.82
C ASN C 80 -11.92 3.90 -18.07
N LEU C 81 -10.71 3.33 -17.98
CA LEU C 81 -10.16 2.51 -19.06
C LEU C 81 -10.38 1.03 -18.82
N ILE C 82 -10.51 0.61 -17.57
CA ILE C 82 -10.94 -0.73 -17.20
C ILE C 82 -12.06 -0.56 -16.18
N THR C 83 -12.91 -1.58 -16.09
CA THR C 83 -14.04 -1.49 -15.17
C THR C 83 -13.53 -1.49 -13.73
N GLN C 84 -14.23 -0.73 -12.88
CA GLN C 84 -13.85 -0.67 -11.47
C GLN C 84 -13.83 -2.04 -10.80
N PRO C 85 -14.76 -2.97 -11.09
CA PRO C 85 -14.60 -4.32 -10.53
C PRO C 85 -13.43 -5.09 -11.13
N LEU C 86 -13.01 -4.79 -12.36
CA LEU C 86 -11.87 -5.49 -12.94
C LEU C 86 -10.57 -5.07 -12.27
N SER C 87 -10.42 -3.77 -12.00
CA SER C 87 -9.23 -3.31 -11.29
C SER C 87 -9.15 -3.91 -9.89
N ASP C 88 -10.30 -4.02 -9.21
CA ASP C 88 -10.32 -4.61 -7.88
C ASP C 88 -9.89 -6.07 -7.92
N ASN C 89 -10.26 -6.79 -8.97
CA ASN C 89 -9.87 -8.20 -9.08
C ASN C 89 -8.39 -8.32 -9.42
N LEU C 90 -7.87 -7.45 -10.28
CA LEU C 90 -6.45 -7.45 -10.57
C LEU C 90 -5.65 -7.00 -9.35
N LYS C 91 -6.18 -6.04 -8.60
CA LYS C 91 -5.54 -5.63 -7.36
C LYS C 91 -5.56 -6.75 -6.33
N LYS C 92 -6.50 -7.69 -6.45
CA LYS C 92 -6.47 -8.87 -5.60
C LYS C 92 -5.38 -9.84 -6.03
N MSE C 93 -4.99 -9.80 -7.30
CA MSE C 93 -3.92 -10.64 -7.82
C MSE C 93 -2.56 -10.09 -7.40
O MSE C 93 -1.63 -10.84 -7.14
CB MSE C 93 -4.01 -10.74 -9.34
CG MSE C 93 -5.34 -11.25 -9.88
SE MSE C 93 -5.73 -13.10 -9.41
CE MSE C 93 -6.72 -12.83 -7.75
N VAL C 94 -2.46 -8.75 -7.35
CA VAL C 94 -1.23 -8.11 -6.89
C VAL C 94 -0.94 -8.49 -5.44
N GLY C 95 -1.99 -8.63 -4.63
CA GLY C 95 -1.80 -9.09 -3.26
C GLY C 95 -1.27 -10.52 -3.20
N LEU C 96 -1.82 -11.40 -4.04
CA LEU C 96 -1.32 -12.77 -4.10
C LEU C 96 0.12 -12.79 -4.60
N ARG C 97 0.44 -11.97 -5.60
CA ARG C 97 1.81 -11.89 -6.11
C ARG C 97 2.77 -11.41 -5.03
N ASN C 98 2.34 -10.45 -4.20
CA ASN C 98 3.22 -9.90 -3.19
C ASN C 98 3.52 -10.91 -2.08
N ILE C 99 2.54 -11.74 -1.73
CA ILE C 99 2.79 -12.75 -0.70
C ILE C 99 3.77 -13.80 -1.21
N ALA C 100 3.72 -14.13 -2.50
CA ALA C 100 4.62 -15.15 -3.03
C ALA C 100 6.04 -14.60 -3.17
N VAL C 101 6.17 -13.37 -3.65
CA VAL C 101 7.50 -12.78 -3.83
C VAL C 101 8.09 -12.39 -2.48
N HIS C 102 7.43 -11.48 -1.77
CA HIS C 102 7.87 -11.05 -0.45
C HIS C 102 7.21 -11.90 0.62
N ASP C 103 8.02 -12.40 1.55
CA ASP C 103 7.54 -13.37 2.54
C ASP C 103 7.10 -12.64 3.81
N TYR C 104 5.95 -11.96 3.69
CA TYR C 104 5.34 -11.29 4.85
C TYR C 104 4.03 -11.94 5.25
N GLN C 105 3.79 -13.18 4.83
CA GLN C 105 2.65 -13.99 5.24
C GLN C 105 2.88 -15.41 4.73
N GLU C 106 2.37 -16.38 5.49
CA GLU C 106 2.40 -17.77 5.04
C GLU C 106 1.44 -17.94 3.87
N LEU C 107 1.95 -18.42 2.74
CA LEU C 107 1.15 -18.52 1.53
C LEU C 107 0.02 -19.53 1.71
N ASN C 108 -1.21 -19.08 1.46
CA ASN C 108 -2.40 -19.92 1.59
C ASN C 108 -2.61 -20.64 0.26
N LEU C 109 -2.46 -21.97 0.27
CA LEU C 109 -2.63 -22.75 -0.94
C LEU C 109 -4.10 -22.81 -1.35
N ASP C 110 -5.03 -22.79 -0.40
CA ASP C 110 -6.44 -22.84 -0.73
C ASP C 110 -6.86 -21.61 -1.54
N ILE C 111 -6.21 -20.47 -1.32
CA ILE C 111 -6.46 -19.31 -2.17
C ILE C 111 -5.97 -19.57 -3.59
N VAL C 112 -4.76 -20.13 -3.73
CA VAL C 112 -4.19 -20.36 -5.05
C VAL C 112 -5.04 -21.35 -5.84
N VAL C 113 -5.55 -22.40 -5.17
CA VAL C 113 -6.45 -23.33 -5.83
C VAL C 113 -7.72 -22.62 -6.27
N HIS C 114 -8.25 -21.74 -5.41
CA HIS C 114 -9.46 -21.01 -5.75
C HIS C 114 -9.20 -20.03 -6.89
N VAL C 115 -8.02 -19.40 -6.90
CA VAL C 115 -7.71 -18.39 -7.91
C VAL C 115 -7.51 -19.01 -9.28
N VAL C 116 -6.93 -20.21 -9.34
CA VAL C 116 -6.77 -20.88 -10.64
C VAL C 116 -8.13 -21.27 -11.19
N GLN C 117 -9.09 -21.56 -10.33
CA GLN C 117 -10.40 -22.03 -10.79
C GLN C 117 -11.31 -20.87 -11.20
N HIS C 118 -11.35 -19.80 -10.41
CA HIS C 118 -12.35 -18.75 -10.61
C HIS C 118 -11.77 -17.37 -10.90
N HIS C 119 -10.46 -17.25 -11.11
CA HIS C 119 -9.85 -15.94 -11.28
C HIS C 119 -8.92 -15.81 -12.48
N LEU C 120 -8.57 -16.91 -13.15
CA LEU C 120 -7.77 -16.81 -14.36
C LEU C 120 -8.50 -16.03 -15.45
N GLU C 121 -9.83 -16.03 -15.41
CA GLU C 121 -10.63 -15.32 -16.40
C GLU C 121 -10.36 -13.82 -16.38
N ASP C 122 -9.92 -13.29 -15.24
CA ASP C 122 -9.61 -11.86 -15.15
C ASP C 122 -8.44 -11.49 -16.05
N PHE C 123 -7.45 -12.38 -16.17
CA PHE C 123 -6.35 -12.12 -17.11
C PHE C 123 -6.84 -12.15 -18.55
N GLU C 124 -7.68 -13.15 -18.89
CA GLU C 124 -8.27 -13.18 -20.22
C GLU C 124 -9.14 -11.94 -20.46
N GLN C 125 -9.88 -11.51 -19.44
CA GLN C 125 -10.65 -10.28 -19.55
C GLN C 125 -9.74 -9.08 -19.78
N PHE C 126 -8.63 -9.00 -19.04
CA PHE C 126 -7.75 -7.85 -19.14
C PHE C 126 -7.12 -7.76 -20.53
N ILE C 127 -6.60 -8.87 -21.05
CA ILE C 127 -5.96 -8.83 -22.37
C ILE C 127 -6.97 -8.50 -23.47
N ASP C 128 -8.24 -8.91 -23.32
CA ASP C 128 -9.25 -8.50 -24.28
C ASP C 128 -9.56 -7.01 -24.19
N VAL C 129 -9.70 -6.48 -22.97
CA VAL C 129 -10.01 -5.07 -22.81
C VAL C 129 -8.89 -4.19 -23.37
N ILE C 130 -7.64 -4.61 -23.16
CA ILE C 130 -6.51 -3.84 -23.67
C ILE C 130 -6.41 -3.93 -25.19
N LYS C 131 -6.82 -5.07 -25.76
CA LYS C 131 -6.74 -5.26 -27.21
C LYS C 131 -7.64 -4.30 -27.96
N ALA C 132 -8.80 -3.95 -27.39
CA ALA C 132 -9.72 -3.03 -28.06
C ALA C 132 -9.06 -1.67 -28.31
N GLU C 133 -8.62 -1.01 -27.24
CA GLU C 133 -7.94 0.27 -27.38
C GLU C 133 -6.43 0.09 -27.35
N ASN D 2 -27.44 40.71 13.17
CA ASN D 2 -26.13 41.02 12.64
C ASN D 2 -26.01 40.60 11.18
N ASP D 3 -25.36 41.43 10.37
CA ASP D 3 -25.26 41.17 8.94
C ASP D 3 -24.33 40.01 8.62
N ILE D 4 -23.21 39.89 9.34
CA ILE D 4 -22.26 38.83 9.00
C ILE D 4 -22.79 37.47 9.43
N ILE D 5 -23.58 37.40 10.51
CA ILE D 5 -24.13 36.11 10.93
C ILE D 5 -25.19 35.64 9.94
N ILE D 6 -26.07 36.54 9.53
CA ILE D 6 -27.14 36.17 8.61
C ILE D 6 -26.57 35.75 7.25
N ASN D 7 -25.43 36.32 6.85
CA ASN D 7 -24.81 35.95 5.59
C ASN D 7 -24.13 34.59 5.70
N LYS D 8 -23.42 34.34 6.80
CA LYS D 8 -22.79 33.04 6.99
C LYS D 8 -23.85 31.95 7.13
N ILE D 9 -24.92 32.22 7.87
CA ILE D 9 -26.04 31.28 7.95
C ILE D 9 -26.65 31.06 6.58
N ALA D 10 -26.80 32.13 5.80
CA ALA D 10 -27.33 31.99 4.45
C ALA D 10 -26.37 31.22 3.55
N THR D 11 -25.07 31.41 3.74
CA THR D 11 -24.08 30.68 2.96
C THR D 11 -24.14 29.19 3.27
N ILE D 12 -24.27 28.83 4.55
CA ILE D 12 -24.38 27.43 4.93
C ILE D 12 -25.61 26.80 4.29
N LYS D 13 -26.74 27.51 4.32
CA LYS D 13 -27.96 27.00 3.71
C LYS D 13 -27.80 26.89 2.20
N ARG D 14 -27.05 27.80 1.58
CA ARG D 14 -26.86 27.73 0.13
C ARG D 14 -25.98 26.56 -0.26
N CYS D 15 -24.96 26.28 0.55
CA CYS D 15 -24.03 25.21 0.22
C CYS D 15 -24.64 23.84 0.47
N ILE D 16 -25.49 23.71 1.49
CA ILE D 16 -26.20 22.46 1.70
C ILE D 16 -27.10 22.17 0.51
N LYS D 17 -27.80 23.20 0.02
CA LYS D 17 -28.60 23.04 -1.20
C LYS D 17 -27.73 22.65 -2.38
N ARG D 18 -26.53 23.22 -2.48
CA ARG D 18 -25.64 22.89 -3.59
C ARG D 18 -25.11 21.47 -3.48
N ILE D 19 -24.74 21.04 -2.26
CA ILE D 19 -24.26 19.67 -2.07
C ILE D 19 -25.34 18.67 -2.40
N GLN D 20 -26.58 18.93 -1.98
CA GLN D 20 -27.67 17.98 -2.24
C GLN D 20 -27.95 17.88 -3.73
N GLN D 21 -27.87 18.99 -4.45
CA GLN D 21 -28.18 18.97 -5.88
C GLN D 21 -27.07 18.30 -6.69
N VAL D 22 -25.81 18.58 -6.34
CA VAL D 22 -24.68 18.03 -7.08
C VAL D 22 -24.54 16.54 -6.82
N TYR D 23 -24.83 16.11 -5.59
CA TYR D 23 -24.71 14.69 -5.25
C TYR D 23 -25.86 13.86 -5.77
N GLY D 24 -27.04 14.46 -5.92
CA GLY D 24 -28.20 13.71 -6.42
C GLY D 24 -28.48 12.50 -5.56
N ASP D 25 -28.78 11.38 -6.21
CA ASP D 25 -29.05 10.13 -5.51
C ASP D 25 -27.78 9.38 -5.14
N GLY D 26 -26.62 9.87 -5.58
CA GLY D 26 -25.34 9.25 -5.31
C GLY D 26 -24.91 8.18 -6.29
N SER D 27 -25.69 7.97 -7.35
CA SER D 27 -25.37 6.92 -8.32
C SER D 27 -24.14 7.28 -9.15
N GLN D 28 -24.06 8.52 -9.62
CA GLN D 28 -22.96 8.96 -10.48
C GLN D 28 -21.92 9.78 -9.74
N PHE D 29 -22.05 9.90 -8.41
CA PHE D 29 -21.07 10.66 -7.65
C PHE D 29 -19.70 9.98 -7.69
N LYS D 30 -19.66 8.70 -7.32
CA LYS D 30 -18.42 7.94 -7.22
C LYS D 30 -17.70 7.78 -8.56
N GLN D 31 -18.31 8.15 -9.67
CA GLN D 31 -17.69 7.98 -10.98
C GLN D 31 -17.35 9.29 -11.69
N ASP D 32 -17.88 10.43 -11.25
CA ASP D 32 -17.65 11.71 -11.90
C ASP D 32 -16.83 12.60 -10.98
N PHE D 33 -15.56 12.83 -11.34
CA PHE D 33 -14.71 13.72 -10.55
C PHE D 33 -15.30 15.12 -10.44
N THR D 34 -15.99 15.58 -11.48
CA THR D 34 -16.59 16.91 -11.44
C THR D 34 -17.67 16.99 -10.38
N LEU D 35 -18.46 15.93 -10.22
CA LEU D 35 -19.47 15.90 -9.16
C LEU D 35 -18.80 15.84 -7.79
N GLN D 36 -17.69 15.11 -7.68
CA GLN D 36 -16.97 15.03 -6.42
C GLN D 36 -16.35 16.37 -6.03
N ASP D 37 -15.74 17.06 -7.01
CA ASP D 37 -15.10 18.34 -6.70
C ASP D 37 -16.10 19.37 -6.20
N SER D 38 -17.29 19.43 -6.81
CA SER D 38 -18.27 20.41 -6.37
C SER D 38 -18.79 20.09 -4.97
N VAL D 39 -19.02 18.81 -4.68
CA VAL D 39 -19.50 18.43 -3.35
C VAL D 39 -18.42 18.68 -2.31
N ILE D 40 -17.17 18.32 -2.62
CA ILE D 40 -16.08 18.55 -1.68
C ILE D 40 -15.87 20.04 -1.43
N LEU D 41 -15.96 20.85 -2.49
CA LEU D 41 -15.73 22.28 -2.34
C LEU D 41 -16.79 22.92 -1.45
N ASN D 42 -18.07 22.63 -1.71
CA ASN D 42 -19.13 23.23 -0.92
C ASN D 42 -19.12 22.69 0.50
N LEU D 43 -18.67 21.46 0.70
CA LEU D 43 -18.45 20.95 2.06
C LEU D 43 -17.44 21.80 2.82
N GLN D 44 -16.41 22.27 2.12
CA GLN D 44 -15.42 23.14 2.76
C GLN D 44 -16.03 24.49 3.15
N ARG D 45 -16.83 25.07 2.26
CA ARG D 45 -17.46 26.35 2.56
C ARG D 45 -18.33 26.28 3.80
N CYS D 46 -18.94 25.13 4.08
CA CYS D 46 -19.72 24.98 5.29
C CYS D 46 -18.84 25.01 6.54
N CYS D 47 -17.69 24.34 6.49
CA CYS D 47 -16.81 24.27 7.66
C CYS D 47 -16.33 25.65 8.07
N GLU D 48 -15.77 26.42 7.13
CA GLU D 48 -15.29 27.76 7.46
C GLU D 48 -16.42 28.68 7.89
N ALA D 49 -17.63 28.49 7.35
CA ALA D 49 -18.73 29.36 7.74
C ALA D 49 -19.20 29.05 9.16
N CYS D 50 -19.16 27.78 9.56
CA CYS D 50 -19.49 27.43 10.94
C CYS D 50 -18.38 27.89 11.89
N ILE D 51 -17.12 27.76 11.47
CA ILE D 51 -16.01 28.23 12.30
C ILE D 51 -16.08 29.74 12.48
N ASP D 52 -16.48 30.46 11.43
CA ASP D 52 -16.62 31.91 11.55
C ASP D 52 -17.75 32.28 12.50
N ILE D 53 -18.88 31.58 12.42
CA ILE D 53 -19.98 31.81 13.34
C ILE D 53 -19.57 31.47 14.77
N ALA D 54 -18.86 30.36 14.95
CA ALA D 54 -18.44 29.96 16.29
C ALA D 54 -17.49 30.97 16.91
N ASN D 55 -16.53 31.46 16.12
CA ASN D 55 -15.56 32.44 16.65
C ASN D 55 -16.22 33.79 16.90
N HIS D 56 -17.27 34.10 16.14
CA HIS D 56 -17.98 35.36 16.35
C HIS D 56 -18.69 35.37 17.69
N ILE D 57 -19.40 34.29 18.03
CA ILE D 57 -20.12 34.22 19.29
C ILE D 57 -19.17 34.27 20.47
N ASN D 58 -18.04 33.56 20.38
CA ASN D 58 -17.05 33.60 21.44
C ASN D 58 -16.49 35.01 21.60
N ARG D 59 -16.45 35.78 20.52
CA ARG D 59 -15.97 37.15 20.55
C ARG D 59 -17.04 38.11 21.05
N GLN D 60 -18.29 37.90 20.65
CA GLN D 60 -19.37 38.80 21.06
C GLN D 60 -19.75 38.61 22.52
N GLN D 61 -19.62 37.40 23.04
CA GLN D 61 -20.02 37.09 24.41
C GLN D 61 -18.82 36.87 25.33
N GLN D 62 -17.61 37.17 24.86
CA GLN D 62 -16.38 37.06 25.66
C GLN D 62 -16.25 35.68 26.30
N LEU D 63 -16.67 34.64 25.56
CA LEU D 63 -16.56 33.29 26.08
C LEU D 63 -15.10 32.85 26.20
N GLY D 64 -14.24 33.39 25.35
CA GLY D 64 -12.83 33.04 25.39
C GLY D 64 -12.15 33.39 24.09
N ILE D 65 -10.89 32.98 24.00
CA ILE D 65 -10.06 33.17 22.81
C ILE D 65 -9.67 31.80 22.28
N PRO D 66 -10.36 31.32 21.24
CA PRO D 66 -10.05 29.98 20.70
C PRO D 66 -8.69 29.95 20.04
N GLN D 67 -7.80 29.08 20.55
CA GLN D 67 -6.49 28.93 19.96
C GLN D 67 -6.51 28.07 18.70
N SER D 68 -7.55 27.27 18.52
CA SER D 68 -7.70 26.44 17.32
C SER D 68 -9.14 26.54 16.83
N SER D 69 -9.37 26.00 15.63
CA SER D 69 -10.72 25.98 15.09
C SER D 69 -11.61 25.02 15.88
N ARG D 70 -11.08 23.86 16.26
CA ARG D 70 -11.84 22.94 17.09
C ARG D 70 -12.12 23.52 18.47
N ASP D 71 -11.16 24.26 19.02
CA ASP D 71 -11.35 24.87 20.34
C ASP D 71 -12.45 25.91 20.35
N SER D 72 -12.77 26.51 19.20
CA SER D 72 -13.86 27.47 19.13
C SER D 72 -15.21 26.79 19.37
N PHE D 73 -15.36 25.55 18.91
CA PHE D 73 -16.57 24.80 19.23
C PHE D 73 -16.57 24.31 20.67
N THR D 74 -15.39 24.06 21.23
CA THR D 74 -15.30 23.64 22.62
C THR D 74 -15.79 24.73 23.56
N LEU D 75 -15.51 25.99 23.24
CA LEU D 75 -15.95 27.09 24.09
C LEU D 75 -17.46 27.25 24.08
N LEU D 76 -18.09 27.07 22.91
CA LEU D 76 -19.54 27.20 22.83
C LEU D 76 -20.23 26.13 23.67
N ALA D 77 -19.70 24.91 23.66
CA ALA D 77 -20.27 23.82 24.46
C ALA D 77 -19.96 23.97 25.94
N GLN D 78 -18.78 24.51 26.29
CA GLN D 78 -18.44 24.68 27.70
C GLN D 78 -19.37 25.66 28.39
N ASN D 79 -19.83 26.68 27.67
CA ASN D 79 -20.84 27.60 28.20
C ASN D 79 -22.25 27.10 27.92
N ASN D 80 -22.40 25.85 27.47
CA ASN D 80 -23.70 25.20 27.26
C ASN D 80 -24.54 25.92 26.22
N LEU D 81 -23.90 26.42 25.16
CA LEU D 81 -24.65 26.96 24.03
C LEU D 81 -24.98 25.91 23.00
N ILE D 82 -24.16 24.87 22.87
CA ILE D 82 -24.47 23.70 22.07
C ILE D 82 -24.16 22.46 22.90
N THR D 83 -24.84 21.36 22.58
CA THR D 83 -24.60 20.11 23.29
C THR D 83 -23.23 19.55 22.93
N GLN D 84 -22.59 18.91 23.90
CA GLN D 84 -21.28 18.32 23.66
C GLN D 84 -21.27 17.29 22.53
N PRO D 85 -22.31 16.48 22.29
CA PRO D 85 -22.26 15.62 21.10
C PRO D 85 -22.35 16.38 19.80
N LEU D 86 -22.98 17.56 19.80
CA LEU D 86 -23.04 18.37 18.58
C LEU D 86 -21.69 18.98 18.26
N SER D 87 -20.98 19.48 19.27
CA SER D 87 -19.65 20.04 19.06
C SER D 87 -18.68 18.97 18.55
N ASP D 88 -18.78 17.75 19.07
CA ASP D 88 -17.91 16.67 18.62
C ASP D 88 -18.11 16.39 17.13
N ASN D 89 -19.35 16.50 16.66
CA ASN D 89 -19.61 16.26 15.24
C ASN D 89 -19.10 17.43 14.40
N LEU D 90 -19.25 18.66 14.89
CA LEU D 90 -18.70 19.81 14.18
C LEU D 90 -17.18 19.81 14.22
N LYS D 91 -16.59 19.39 15.35
CA LYS D 91 -15.14 19.27 15.42
C LYS D 91 -14.64 18.18 14.48
N LYS D 92 -15.45 17.15 14.21
CA LYS D 92 -15.10 16.17 13.19
C LYS D 92 -15.01 16.82 11.82
N MSE D 93 -15.81 17.85 11.57
CA MSE D 93 -15.82 18.55 10.29
C MSE D 93 -14.58 19.43 10.11
O MSE D 93 -14.18 19.72 8.98
CB MSE D 93 -17.09 19.39 10.15
CG MSE D 93 -18.39 18.62 10.31
SE MSE D 93 -18.65 17.22 8.96
CE MSE D 93 -17.98 15.69 9.98
N VAL D 94 -13.98 19.85 11.22
CA VAL D 94 -12.77 20.69 11.13
C VAL D 94 -11.67 19.96 10.39
N GLY D 95 -11.53 18.66 10.63
CA GLY D 95 -10.57 17.84 9.88
C GLY D 95 -10.97 17.59 8.44
N LEU D 96 -12.23 17.85 8.07
CA LEU D 96 -12.68 17.63 6.70
C LEU D 96 -12.05 18.61 5.73
N ARG D 97 -11.45 19.70 6.22
CA ARG D 97 -10.75 20.63 5.35
C ARG D 97 -9.52 20.02 4.69
N ASN D 98 -9.09 18.84 5.14
CA ASN D 98 -7.90 18.21 4.57
C ASN D 98 -8.18 17.48 3.27
N ILE D 99 -9.42 17.04 3.07
CA ILE D 99 -9.73 16.18 1.91
C ILE D 99 -9.65 16.95 0.61
N ALA D 100 -9.93 18.25 0.64
CA ALA D 100 -9.96 19.02 -0.60
C ALA D 100 -8.56 19.41 -1.08
N VAL D 101 -7.68 19.81 -0.16
CA VAL D 101 -6.36 20.28 -0.54
C VAL D 101 -5.51 19.18 -1.15
N HIS D 102 -5.87 17.92 -0.92
CA HIS D 102 -5.08 16.77 -1.37
C HIS D 102 -5.96 15.86 -2.19
N ASP D 103 -5.51 15.52 -3.40
CA ASP D 103 -6.32 14.73 -4.33
C ASP D 103 -5.98 13.23 -4.22
N TYR D 104 -6.18 12.70 -3.02
CA TYR D 104 -6.17 11.26 -2.79
C TYR D 104 -7.61 10.78 -2.96
N GLN D 105 -7.96 10.45 -4.20
CA GLN D 105 -9.36 10.31 -4.58
C GLN D 105 -10.02 9.14 -3.88
N GLU D 106 -9.51 7.92 -4.11
CA GLU D 106 -10.23 6.74 -3.63
C GLU D 106 -10.11 6.55 -2.12
N LEU D 107 -9.07 7.11 -1.49
CA LEU D 107 -8.85 6.88 -0.07
C LEU D 107 -10.02 7.39 0.76
N ASN D 108 -10.37 8.67 0.62
CA ASN D 108 -11.42 9.29 1.40
C ASN D 108 -12.65 9.65 0.56
N LEU D 109 -12.89 8.92 -0.54
CA LEU D 109 -14.14 9.12 -1.26
C LEU D 109 -15.29 8.46 -0.54
N ASP D 110 -15.05 7.31 0.10
CA ASP D 110 -16.05 6.72 0.96
C ASP D 110 -16.30 7.55 2.21
N ILE D 111 -15.39 8.48 2.52
CA ILE D 111 -15.58 9.35 3.68
C ILE D 111 -16.50 10.52 3.35
N VAL D 112 -16.29 11.15 2.20
CA VAL D 112 -17.18 12.24 1.78
C VAL D 112 -18.60 11.71 1.61
N VAL D 113 -18.74 10.47 1.12
CA VAL D 113 -20.06 9.86 1.03
C VAL D 113 -20.67 9.71 2.42
N HIS D 114 -19.85 9.36 3.42
CA HIS D 114 -20.36 9.22 4.77
C HIS D 114 -20.84 10.54 5.35
N VAL D 115 -20.11 11.64 5.12
CA VAL D 115 -20.50 12.91 5.70
C VAL D 115 -21.72 13.49 4.98
N VAL D 116 -21.84 13.25 3.67
CA VAL D 116 -23.01 13.73 2.94
C VAL D 116 -24.28 13.00 3.38
N GLN D 117 -24.15 11.74 3.80
CA GLN D 117 -25.33 10.97 4.18
C GLN D 117 -25.75 11.22 5.62
N HIS D 118 -24.78 11.26 6.55
CA HIS D 118 -25.09 11.25 7.97
C HIS D 118 -24.65 12.51 8.72
N HIS D 119 -24.14 13.54 8.04
CA HIS D 119 -23.56 14.66 8.76
C HIS D 119 -24.00 16.04 8.29
N LEU D 120 -24.71 16.17 7.17
CA LEU D 120 -25.21 17.48 6.77
C LEU D 120 -26.20 18.03 7.78
N GLU D 121 -26.93 17.16 8.48
CA GLU D 121 -27.90 17.59 9.47
C GLU D 121 -27.24 18.28 10.65
N ASP D 122 -25.96 17.99 10.92
CA ASP D 122 -25.25 18.68 11.99
C ASP D 122 -25.11 20.16 11.69
N PHE D 123 -24.92 20.51 10.42
CA PHE D 123 -24.94 21.92 10.02
C PHE D 123 -26.33 22.51 10.21
N GLU D 124 -27.37 21.75 9.85
CA GLU D 124 -28.74 22.22 10.05
C GLU D 124 -29.04 22.44 11.52
N GLN D 125 -28.58 21.54 12.39
CA GLN D 125 -28.75 21.74 13.83
C GLN D 125 -28.03 22.99 14.32
N PHE D 126 -26.79 23.22 13.85
CA PHE D 126 -26.00 24.34 14.35
C PHE D 126 -26.65 25.67 14.02
N ILE D 127 -27.09 25.85 12.77
CA ILE D 127 -27.73 27.10 12.38
C ILE D 127 -29.07 27.24 13.10
N ASP D 128 -29.71 26.11 13.46
CA ASP D 128 -30.96 26.19 14.21
C ASP D 128 -30.73 26.79 15.59
N VAL D 129 -29.66 26.38 16.28
CA VAL D 129 -29.36 26.92 17.58
C VAL D 129 -29.06 28.42 17.49
N ILE D 130 -28.38 28.84 16.42
CA ILE D 130 -28.04 30.25 16.30
C ILE D 130 -29.28 31.07 15.98
N LYS D 131 -30.22 30.52 15.22
CA LYS D 131 -31.45 31.24 14.91
C LYS D 131 -32.31 31.44 16.15
N ALA D 132 -32.29 30.47 17.07
CA ALA D 132 -33.04 30.60 18.31
C ALA D 132 -32.60 31.81 19.11
N GLU D 133 -31.30 31.88 19.40
CA GLU D 133 -30.66 33.01 20.09
C GLU D 133 -31.27 34.38 19.79
P AMP E . 17.70 -6.76 -14.83
O1P AMP E . 18.20 -5.44 -15.37
O2P AMP E . 17.03 -6.80 -13.48
O5' AMP E . 18.92 -7.79 -14.80
C5' AMP E . 19.43 -8.34 -16.02
C4' AMP E . 20.87 -7.96 -16.23
O4' AMP E . 21.04 -7.62 -17.63
C3' AMP E . 21.32 -6.75 -15.41
O3' AMP E . 22.46 -7.04 -14.57
C2' AMP E . 21.63 -5.65 -16.44
O2' AMP E . 22.80 -4.91 -16.16
C1' AMP E . 21.74 -6.41 -17.76
N9 AMP E . 21.12 -5.68 -18.89
C8 AMP E . 20.43 -4.53 -18.79
N7 AMP E . 19.99 -4.12 -20.00
C5 AMP E . 20.41 -5.02 -20.91
C6 AMP E . 20.28 -5.19 -22.37
N6 AMP E . 19.61 -4.29 -23.12
N1 AMP E . 20.86 -6.28 -22.93
C2 AMP E . 21.53 -7.18 -22.19
N3 AMP E . 21.69 -7.09 -20.86
C4 AMP E . 21.16 -6.05 -20.17
P AMP F . 23.69 -7.96 -15.04
O1P AMP F . 24.05 -7.80 -16.48
O2P AMP F . 24.77 -7.73 -14.00
O5' AMP F . 23.20 -9.46 -14.80
C5' AMP F . 24.01 -10.55 -15.21
C4' AMP F . 23.35 -11.88 -14.91
O4' AMP F . 22.05 -11.92 -15.53
C3' AMP F . 24.07 -13.11 -15.47
O3' AMP F . 25.17 -13.52 -14.69
C2' AMP F . 22.95 -14.13 -15.55
O2' AMP F . 22.71 -14.71 -14.27
C1' AMP F . 21.75 -13.25 -15.92
N9 AMP F . 21.47 -13.27 -17.37
C8 AMP F . 21.96 -12.41 -18.28
N7 AMP F . 21.51 -12.71 -19.52
C5 AMP F . 20.71 -13.79 -19.42
C6 AMP F . 19.92 -14.63 -20.35
N6 AMP F . 19.87 -14.36 -21.67
N1 AMP F . 19.22 -15.66 -19.81
C2 AMP F . 19.25 -15.93 -18.50
N3 AMP F . 19.95 -15.22 -17.60
C4 AMP F . 20.69 -14.16 -17.99
P AMP G . 26.61 -13.63 -15.36
O1P AMP G . 26.43 -13.90 -16.84
O2P AMP G . 27.43 -12.44 -14.92
O5' AMP G . 27.26 -14.93 -14.71
C5' AMP G . 26.45 -16.02 -14.27
C4' AMP G . 27.16 -17.34 -14.40
O4' AMP G . 26.68 -18.04 -15.57
C3' AMP G . 28.68 -17.27 -14.53
O3' AMP G . 29.28 -18.30 -13.74
C2' AMP G . 28.92 -17.55 -16.01
O2' AMP G . 30.18 -18.14 -16.30
C1' AMP G . 27.77 -18.47 -16.36
N9 AMP G . 27.37 -18.38 -17.77
C8 AMP G . 27.33 -17.25 -18.48
N7 AMP G . 26.94 -17.47 -19.76
C5 AMP G . 26.71 -18.79 -19.88
C6 AMP G . 26.26 -19.69 -20.97
N6 AMP G . 25.97 -19.20 -22.21
N1 AMP G . 26.16 -21.00 -20.70
C2 AMP G . 26.45 -21.49 -19.47
N3 AMP G . 26.85 -20.73 -18.44
C4 AMP G . 27.01 -19.39 -18.57
P AMP H . 0.56 -6.91 0.31
O1P AMP H . 0.42 -6.77 -1.19
O2P AMP H . 1.15 -5.76 1.09
O5' AMP H . -0.91 -7.17 0.88
C5' AMP H . -1.52 -8.45 0.77
C4' AMP H . -2.41 -8.73 1.96
O4' AMP H . -1.61 -8.69 3.17
C3' AMP H . -3.55 -7.75 2.16
O3' AMP H . -4.73 -8.43 2.62
C2' AMP H . -3.04 -6.81 3.25
O2' AMP H . -4.06 -6.24 4.05
C1' AMP H . -2.14 -7.73 4.07
N9 AMP H . -1.00 -7.04 4.69
C8 AMP H . -0.60 -5.79 4.37
N7 AMP H . 0.47 -5.42 5.11
C5 AMP H . 0.77 -6.45 5.92
C6 AMP H . 1.79 -6.71 6.96
N6 AMP H . 2.72 -5.77 7.27
N1 AMP H . 1.77 -7.91 7.58
C2 AMP H . 0.85 -8.84 7.27
N3 AMP H . -0.12 -8.68 6.34
C4 AMP H . -0.20 -7.51 5.65
P AMP I . -6.02 -8.49 1.70
O1P AMP I . -6.95 -9.51 2.29
O2P AMP I . -6.50 -7.07 1.50
O5' AMP I . -5.47 -9.02 0.31
C5' AMP I . -6.33 -9.25 -0.79
C4' AMP I . -5.78 -10.32 -1.70
O4' AMP I . -4.45 -10.70 -1.24
C3' AMP I . -6.54 -11.64 -1.71
O3' AMP I . -7.67 -11.60 -2.58
C2' AMP I . -5.49 -12.66 -2.12
O2' AMP I . -5.31 -12.70 -3.52
C1' AMP I . -4.22 -12.06 -1.49
N9 AMP I . -3.87 -12.71 -0.21
C8 AMP I . -4.16 -12.24 1.02
N7 AMP I . -3.70 -13.07 1.99
C5 AMP I . -3.09 -14.10 1.38
C6 AMP I . -2.38 -15.33 1.81
N6 AMP I . -2.24 -15.62 3.13
N1 AMP I . -1.90 -16.15 0.85
C2 AMP I . -2.04 -15.86 -0.46
N3 AMP I . -2.67 -14.76 -0.93
C4 AMP I . -3.20 -13.86 -0.06
P AMP J . -9.12 -12.00 -2.05
O1P AMP J . -9.88 -10.77 -1.62
O2P AMP J . -8.94 -13.14 -1.07
O5' AMP J . -9.83 -12.61 -3.33
C5' AMP J . -9.44 -13.86 -3.88
C4' AMP J . -10.49 -14.92 -3.65
O4' AMP J . -9.91 -16.00 -2.89
C3' AMP J . -11.68 -14.46 -2.81
O3' AMP J . -12.69 -13.83 -3.59
C2' AMP J . -12.16 -15.75 -2.13
O2' AMP J . -13.14 -16.40 -2.93
C1' AMP J . -10.90 -16.62 -2.10
N9 AMP J . -10.36 -16.76 -0.73
C8 AMP J . -10.00 -15.75 0.09
N7 AMP J . -9.54 -16.23 1.28
C5 AMP J . -9.61 -17.57 1.23
C6 AMP J . -9.28 -18.69 2.14
N6 AMP J . -8.77 -18.46 3.39
N1 AMP J . -9.49 -19.94 1.70
C2 AMP J . -9.98 -20.20 0.47
N3 AMP J . -10.31 -19.23 -0.41
C4 AMP J . -10.15 -17.92 -0.10
#